data_4P0N
#
_entry.id   4P0N
#
_cell.length_a   253.283
_cell.length_b   253.283
_cell.length_c   253.283
_cell.angle_alpha   90.00
_cell.angle_beta   90.00
_cell.angle_gamma   90.00
#
_symmetry.space_group_name_H-M   'F 2 3'
#
loop_
_entity.id
_entity.type
_entity.pdbx_description
1 polymer "cAMP and cAMP-inhibited cGMP 3',5'-cyclic phosphodiesterase 10A"
2 non-polymer N-[trans-3-(2-methoxy-3H-imidazo[4,5-b]pyridin-3-yl)cyclobutyl]-1,3-benzothiazol-2-amine
3 non-polymer N-[cis-3-(2-methoxy-3H-imidazo[4,5-b]pyridin-3-yl)cyclobutyl]-1,3-benzothiazol-2-amine
4 non-polymer 'ZINC ION'
5 non-polymer 'SULFATE ION'
6 non-polymer GLYCEROL
7 water water
#
_entity_poly.entity_id   1
_entity_poly.type   'polypeptide(L)'
_entity_poly.pdbx_seq_one_letter_code
;TSEEWQGLMQFTLPVRLCKEIELFHFDIGPFENMWPGIFVYMVHRSCGTSCFELEKLCRFIMSVKKNYRRVPYHNWKHAV
TVAHCMYAILQNNHTLFTDLERKGLLIACLCHDLDHRGFSNSYLQKFDHPLAALYSTSTMEQHHFSQTVSILQLEGHNIF
STLSSSEYEQVLEIIRKAIIATDLALYFGNRKQLEEMYQTGSLNLNNQSHRDRVIGLMMTACDLCSVTKLWPVTKLTAND
IYAEFWAEGDEMKKLGIQPIPMMDRDKKDEVPQGQLGFYNAVAIPCYTTLTQILPPTEPLLKACRDNLSQWEKVIRGEET
ATWISSPSVAQKAAASED
;
_entity_poly.pdbx_strand_id   A,B
#
# COMPACT_ATOMS: atom_id res chain seq x y z
N THR A 12 -28.88 3.55 0.69
CA THR A 12 -28.63 2.84 1.94
C THR A 12 -29.47 1.61 2.15
N LEU A 13 -28.99 0.71 2.98
CA LEU A 13 -29.53 -0.60 3.17
C LEU A 13 -30.02 -0.72 4.60
N PRO A 14 -30.64 -1.85 4.93
CA PRO A 14 -30.99 -2.11 6.32
C PRO A 14 -29.77 -2.07 7.25
N VAL A 15 -30.01 -1.78 8.53
CA VAL A 15 -28.93 -1.54 9.49
C VAL A 15 -27.92 -2.69 9.52
N ARG A 16 -28.39 -3.91 9.64
CA ARG A 16 -27.48 -5.02 9.73
C ARG A 16 -26.60 -5.15 8.49
N LEU A 17 -27.13 -4.85 7.31
CA LEU A 17 -26.38 -5.03 6.09
C LEU A 17 -25.31 -3.97 5.97
N CYS A 18 -25.66 -2.75 6.32
CA CYS A 18 -24.73 -1.65 6.29
C CYS A 18 -23.49 -1.97 7.08
N LYS A 19 -23.68 -2.53 8.26
CA LYS A 19 -22.58 -2.89 9.14
C LYS A 19 -21.77 -4.07 8.59
N GLU A 20 -22.46 -5.17 8.28
CA GLU A 20 -21.77 -6.42 7.96
C GLU A 20 -21.25 -6.52 6.52
N ILE A 21 -21.71 -5.63 5.64
CA ILE A 21 -21.20 -5.58 4.25
C ILE A 21 -19.72 -5.20 4.20
N GLU A 22 -19.25 -4.49 5.22
CA GLU A 22 -17.84 -4.09 5.31
C GLU A 22 -16.93 -5.25 5.69
N LEU A 23 -17.51 -6.35 6.17
CA LEU A 23 -16.72 -7.54 6.52
C LEU A 23 -16.44 -8.36 5.27
N PHE A 24 -15.22 -8.87 5.15
CA PHE A 24 -14.83 -9.71 4.01
C PHE A 24 -15.72 -10.96 3.89
N HIS A 25 -16.13 -11.52 5.02
CA HIS A 25 -16.90 -12.77 5.04
C HIS A 25 -18.43 -12.58 4.97
N PHE A 26 -18.88 -11.37 4.60
CA PHE A 26 -20.29 -11.09 4.38
C PHE A 26 -20.91 -12.03 3.35
N ASP A 27 -22.12 -12.50 3.66
CA ASP A 27 -22.93 -13.30 2.74
C ASP A 27 -24.09 -12.43 2.25
N ILE A 28 -24.34 -12.40 0.94
CA ILE A 28 -25.33 -11.46 0.39
C ILE A 28 -26.80 -11.86 0.63
N GLY A 29 -27.03 -13.07 1.16
CA GLY A 29 -28.37 -13.49 1.57
C GLY A 29 -29.20 -14.12 0.46
N PRO A 30 -30.37 -14.67 0.80
CA PRO A 30 -31.20 -15.41 -0.14
C PRO A 30 -32.26 -14.58 -0.87
N PHE A 31 -32.31 -13.27 -0.62
CA PHE A 31 -33.30 -12.42 -1.28
C PHE A 31 -32.69 -11.78 -2.53
N GLU A 32 -33.00 -12.38 -3.68
CA GLU A 32 -32.40 -11.98 -4.96
C GLU A 32 -32.65 -10.52 -5.31
N ASN A 33 -33.85 -10.03 -5.04
CA ASN A 33 -34.22 -8.67 -5.41
C ASN A 33 -33.55 -7.58 -4.56
N MET A 34 -32.81 -7.99 -3.53
CA MET A 34 -31.96 -7.07 -2.78
C MET A 34 -30.54 -6.98 -3.34
N TRP A 35 -30.11 -7.97 -4.12
CA TRP A 35 -28.74 -8.00 -4.65
C TRP A 35 -28.39 -6.81 -5.55
N PRO A 36 -29.31 -6.38 -6.43
CA PRO A 36 -29.04 -5.18 -7.23
C PRO A 36 -28.76 -3.94 -6.38
N GLY A 37 -29.57 -3.74 -5.34
CA GLY A 37 -29.40 -2.63 -4.41
C GLY A 37 -28.12 -2.73 -3.59
N ILE A 38 -27.74 -3.95 -3.24
CA ILE A 38 -26.45 -4.19 -2.58
C ILE A 38 -25.31 -3.73 -3.48
N PHE A 39 -25.37 -4.09 -4.76
CA PHE A 39 -24.33 -3.68 -5.72
C PHE A 39 -24.25 -2.16 -5.88
N VAL A 40 -25.40 -1.52 -6.06
CA VAL A 40 -25.47 -0.06 -6.21
C VAL A 40 -24.91 0.65 -4.98
N TYR A 41 -25.22 0.11 -3.80
CA TYR A 41 -24.66 0.61 -2.55
C TYR A 41 -23.13 0.56 -2.56
N MET A 42 -22.59 -0.57 -3.00
CA MET A 42 -21.15 -0.77 -3.04
C MET A 42 -20.44 0.18 -4.02
N VAL A 43 -21.01 0.35 -5.19
CA VAL A 43 -20.53 1.26 -6.21
C VAL A 43 -20.49 2.70 -5.69
N HIS A 44 -21.54 3.12 -5.04
CA HIS A 44 -21.66 4.49 -4.53
C HIS A 44 -20.65 4.79 -3.43
N ARG A 45 -20.39 3.81 -2.55
CA ARG A 45 -19.38 3.97 -1.51
C ARG A 45 -17.96 3.84 -2.03
N SER A 46 -17.77 3.04 -3.05
CA SER A 46 -16.48 2.81 -3.65
C SER A 46 -16.05 3.91 -4.59
N CYS A 47 -16.90 4.27 -5.54
CA CYS A 47 -16.57 5.30 -6.50
C CYS A 47 -17.19 6.62 -6.22
N GLY A 48 -18.46 6.62 -5.88
CA GLY A 48 -19.13 7.85 -5.54
C GLY A 48 -20.49 7.89 -6.16
N THR A 49 -21.36 8.76 -5.68
CA THR A 49 -22.71 8.80 -6.18
C THR A 49 -22.86 9.36 -7.59
N SER A 50 -21.80 9.93 -8.13
CA SER A 50 -21.84 10.45 -9.47
C SER A 50 -20.96 9.69 -10.44
N CYS A 51 -20.62 8.46 -10.12
CA CYS A 51 -19.78 7.69 -11.00
C CYS A 51 -20.57 7.17 -12.17
N PHE A 52 -21.80 6.77 -11.92
CA PHE A 52 -22.70 6.28 -12.95
C PHE A 52 -24.03 7.02 -12.87
N GLU A 53 -24.69 7.18 -14.00
CA GLU A 53 -26.07 7.66 -14.01
C GLU A 53 -26.93 6.50 -13.49
N LEU A 54 -27.68 6.73 -12.43
CA LEU A 54 -28.39 5.66 -11.72
C LEU A 54 -29.32 4.86 -12.63
N GLU A 55 -30.04 5.55 -13.52
CA GLU A 55 -30.97 4.90 -14.45
C GLU A 55 -30.25 3.96 -15.42
N LYS A 56 -29.12 4.41 -15.96
CA LYS A 56 -28.30 3.57 -16.84
C LYS A 56 -27.73 2.36 -16.09
N LEU A 57 -27.25 2.60 -14.88
CA LEU A 57 -26.65 1.55 -14.07
C LEU A 57 -27.64 0.43 -13.74
N CYS A 58 -28.85 0.81 -13.36
CA CYS A 58 -29.90 -0.16 -13.02
C CYS A 58 -30.32 -0.96 -14.25
N ARG A 59 -30.44 -0.28 -15.38
CA ARG A 59 -30.73 -0.96 -16.65
C ARG A 59 -29.61 -1.97 -16.97
N PHE A 60 -28.36 -1.56 -16.78
CA PHE A 60 -27.21 -2.42 -17.03
C PHE A 60 -27.20 -3.64 -16.11
N ILE A 61 -27.43 -3.42 -14.82
CA ILE A 61 -27.45 -4.50 -13.82
C ILE A 61 -28.51 -5.57 -14.17
N MET A 62 -29.70 -5.13 -14.57
CA MET A 62 -30.78 -6.07 -14.85
C MET A 62 -30.53 -6.89 -16.12
N SER A 63 -29.90 -6.28 -17.12
CA SER A 63 -29.52 -7.03 -18.32
C SER A 63 -28.40 -8.03 -18.04
N VAL A 64 -27.46 -7.67 -17.17
CA VAL A 64 -26.41 -8.59 -16.75
C VAL A 64 -27.03 -9.78 -16.02
N LYS A 65 -27.93 -9.50 -15.08
CA LYS A 65 -28.67 -10.55 -14.36
C LYS A 65 -29.36 -11.52 -15.32
N LYS A 66 -30.04 -10.98 -16.32
CA LYS A 66 -30.76 -11.79 -17.30
C LYS A 66 -29.84 -12.71 -18.12
N ASN A 67 -28.56 -12.34 -18.25
CA ASN A 67 -27.60 -13.12 -19.04
C ASN A 67 -26.72 -14.09 -18.22
N TYR A 68 -26.98 -14.18 -16.92
CA TYR A 68 -26.48 -15.30 -16.11
C TYR A 68 -27.54 -16.40 -16.15
N ARG A 69 -27.10 -17.64 -16.14
CA ARG A 69 -28.00 -18.79 -16.26
C ARG A 69 -28.33 -19.40 -14.90
N ARG A 70 -29.41 -20.17 -14.87
CA ARG A 70 -29.83 -20.86 -13.66
C ARG A 70 -29.04 -22.16 -13.50
N VAL A 71 -27.79 -22.02 -13.08
CA VAL A 71 -26.92 -23.16 -12.82
C VAL A 71 -26.62 -23.18 -11.33
N PRO A 72 -26.13 -24.31 -10.81
CA PRO A 72 -25.96 -24.43 -9.36
C PRO A 72 -24.94 -23.47 -8.72
N TYR A 73 -23.87 -23.12 -9.43
CA TYR A 73 -22.82 -22.29 -8.84
C TYR A 73 -22.44 -21.03 -9.64
N HIS A 74 -22.15 -21.18 -10.93
CA HIS A 74 -21.72 -20.04 -11.75
C HIS A 74 -22.92 -19.19 -12.19
N ASN A 75 -23.57 -18.58 -11.21
CA ASN A 75 -24.84 -17.89 -11.40
C ASN A 75 -24.76 -16.43 -10.93
N TRP A 76 -25.91 -15.76 -10.93
CA TRP A 76 -26.05 -14.36 -10.53
C TRP A 76 -25.55 -14.10 -9.10
N LYS A 77 -25.84 -15.02 -8.19
CA LYS A 77 -25.40 -14.90 -6.81
C LYS A 77 -23.87 -14.90 -6.69
N HIS A 78 -23.23 -15.80 -7.43
CA HIS A 78 -21.78 -15.83 -7.51
C HIS A 78 -21.20 -14.50 -8.01
N ALA A 79 -21.85 -13.92 -9.02
CA ALA A 79 -21.37 -12.68 -9.63
C ALA A 79 -21.35 -11.53 -8.64
N VAL A 80 -22.44 -11.38 -7.88
CA VAL A 80 -22.56 -10.30 -6.89
C VAL A 80 -21.66 -10.58 -5.68
N THR A 81 -21.49 -11.86 -5.34
CA THR A 81 -20.60 -12.28 -4.25
C THR A 81 -19.13 -11.97 -4.56
N VAL A 82 -18.72 -12.21 -5.79
CA VAL A 82 -17.41 -11.89 -6.27
C VAL A 82 -17.22 -10.37 -6.24
N ALA A 83 -18.20 -9.62 -6.71
CA ALA A 83 -18.18 -8.16 -6.67
C ALA A 83 -18.03 -7.61 -5.25
N HIS A 84 -18.70 -8.23 -4.29
CA HIS A 84 -18.58 -7.79 -2.90
C HIS A 84 -17.16 -7.96 -2.35
N CYS A 85 -16.52 -9.08 -2.65
CA CYS A 85 -15.15 -9.32 -2.21
C CYS A 85 -14.21 -8.24 -2.76
N MET A 86 -14.39 -7.89 -4.03
CA MET A 86 -13.63 -6.80 -4.64
C MET A 86 -13.92 -5.46 -3.95
N TYR A 87 -15.17 -5.23 -3.59
CA TYR A 87 -15.55 -4.04 -2.83
C TYR A 87 -14.75 -3.96 -1.53
N ALA A 88 -14.73 -5.07 -0.79
CA ALA A 88 -14.00 -5.13 0.49
C ALA A 88 -12.50 -4.88 0.30
N ILE A 89 -11.93 -5.42 -0.77
CA ILE A 89 -10.51 -5.18 -1.09
C ILE A 89 -10.26 -3.70 -1.42
N LEU A 90 -11.11 -3.14 -2.24
CA LEU A 90 -11.00 -1.74 -2.60
C LEU A 90 -11.15 -0.79 -1.43
N GLN A 91 -12.11 -1.00 -0.58
CA GLN A 91 -12.36 -0.13 0.57
C GLN A 91 -11.24 -0.18 1.61
N ASN A 92 -10.54 -1.30 1.71
CA ASN A 92 -9.45 -1.45 2.65
C ASN A 92 -8.07 -1.15 2.06
N ASN A 93 -8.05 -0.77 0.78
CA ASN A 93 -6.85 -0.32 0.08
C ASN A 93 -7.22 0.89 -0.77
N HIS A 94 -7.87 1.85 -0.13
CA HIS A 94 -8.61 2.90 -0.83
C HIS A 94 -7.74 3.99 -1.47
N THR A 95 -6.48 4.08 -1.07
CA THR A 95 -5.55 5.07 -1.62
C THR A 95 -4.80 4.57 -2.86
N LEU A 96 -4.90 3.27 -3.14
CA LEU A 96 -4.10 2.64 -4.20
C LEU A 96 -4.67 2.82 -5.60
N PHE A 97 -6.00 2.80 -5.72
CA PHE A 97 -6.66 2.68 -7.02
C PHE A 97 -7.29 3.97 -7.52
N THR A 98 -7.30 4.14 -8.84
CA THR A 98 -7.88 5.31 -9.48
C THR A 98 -9.40 5.20 -9.55
N ASP A 99 -10.03 6.28 -9.98
CA ASP A 99 -11.48 6.31 -10.23
C ASP A 99 -11.89 5.23 -11.23
N LEU A 100 -11.21 5.20 -12.37
CA LEU A 100 -11.52 4.24 -13.43
C LEU A 100 -11.37 2.80 -13.00
N GLU A 101 -10.32 2.51 -12.22
CA GLU A 101 -10.06 1.15 -11.75
C GLU A 101 -11.14 0.66 -10.80
N ARG A 102 -11.58 1.52 -9.89
CA ARG A 102 -12.66 1.15 -8.98
C ARG A 102 -13.95 0.87 -9.76
N LYS A 103 -14.30 1.78 -10.67
CA LYS A 103 -15.42 1.57 -11.61
C LYS A 103 -15.31 0.24 -12.34
N GLY A 104 -14.20 0.07 -13.06
CA GLY A 104 -13.99 -1.08 -13.92
C GLY A 104 -13.97 -2.42 -13.21
N LEU A 105 -13.39 -2.46 -12.02
CA LEU A 105 -13.21 -3.73 -11.30
C LEU A 105 -14.52 -4.28 -10.72
N LEU A 106 -15.34 -3.39 -10.17
CA LEU A 106 -16.65 -3.82 -9.68
C LEU A 106 -17.51 -4.36 -10.82
N ILE A 107 -17.53 -3.66 -11.93
CA ILE A 107 -18.22 -4.07 -13.12
C ILE A 107 -17.65 -5.38 -13.68
N ALA A 108 -16.34 -5.49 -13.69
CA ALA A 108 -15.70 -6.66 -14.18
C ALA A 108 -16.10 -7.87 -13.38
N CYS A 109 -16.12 -7.74 -12.07
CA CYS A 109 -16.51 -8.82 -11.21
C CYS A 109 -17.95 -9.24 -11.45
N LEU A 110 -18.83 -8.27 -11.60
CA LEU A 110 -20.25 -8.56 -11.84
C LEU A 110 -20.47 -9.31 -13.15
N CYS A 111 -19.65 -9.01 -14.16
CA CYS A 111 -19.80 -9.59 -15.50
C CYS A 111 -18.87 -10.78 -15.77
N HIS A 112 -18.01 -11.12 -14.82
CA HIS A 112 -16.88 -12.02 -15.11
C HIS A 112 -17.25 -13.47 -15.46
N ASP A 113 -18.48 -13.90 -15.18
CA ASP A 113 -18.96 -15.25 -15.54
C ASP A 113 -20.21 -15.22 -16.41
N LEU A 114 -20.43 -14.11 -17.11
CA LEU A 114 -21.60 -13.92 -17.93
C LEU A 114 -21.87 -15.09 -18.87
N ASP A 115 -23.09 -15.59 -18.86
CA ASP A 115 -23.52 -16.66 -19.77
C ASP A 115 -22.78 -17.99 -19.55
N HIS A 116 -22.38 -18.25 -18.30
CA HIS A 116 -21.72 -19.51 -17.95
C HIS A 116 -22.71 -20.67 -18.00
N ARG A 117 -22.30 -21.81 -18.58
CA ARG A 117 -23.17 -23.00 -18.71
C ARG A 117 -23.01 -24.00 -17.57
N GLY A 118 -21.97 -23.81 -16.76
CA GLY A 118 -21.64 -24.75 -15.69
C GLY A 118 -20.63 -25.79 -16.14
N PHE A 119 -19.92 -25.50 -17.23
CA PHE A 119 -18.91 -26.42 -17.78
C PHE A 119 -17.55 -25.72 -17.92
N SER A 120 -16.48 -26.49 -17.72
CA SER A 120 -15.12 -25.99 -17.81
C SER A 120 -14.67 -25.78 -19.27
N ASN A 121 -13.57 -25.06 -19.43
CA ASN A 121 -12.95 -24.87 -20.75
C ASN A 121 -12.56 -26.19 -21.40
N SER A 122 -12.04 -27.12 -20.61
CA SER A 122 -11.63 -28.43 -21.14
C SER A 122 -12.83 -29.23 -21.67
N TYR A 123 -13.97 -29.14 -21.00
CA TYR A 123 -15.16 -29.84 -21.49
C TYR A 123 -15.61 -29.28 -22.84
N LEU A 124 -15.64 -27.97 -22.96
CA LEU A 124 -15.98 -27.31 -24.23
C LEU A 124 -15.06 -27.77 -25.36
N GLN A 125 -13.78 -27.92 -25.07
CA GLN A 125 -12.80 -28.39 -26.05
C GLN A 125 -13.10 -29.83 -26.46
N LYS A 126 -13.31 -30.70 -25.48
CA LYS A 126 -13.56 -32.12 -25.75
C LYS A 126 -14.89 -32.35 -26.47
N PHE A 127 -15.91 -31.55 -26.14
CA PHE A 127 -17.19 -31.60 -26.84
C PHE A 127 -17.09 -31.09 -28.28
N ASP A 128 -16.10 -30.23 -28.53
CA ASP A 128 -15.91 -29.57 -29.81
C ASP A 128 -16.97 -28.46 -29.96
N HIS A 129 -17.19 -27.72 -28.88
CA HIS A 129 -18.17 -26.64 -28.86
C HIS A 129 -17.65 -25.48 -29.73
N PRO A 130 -18.55 -24.82 -30.50
CA PRO A 130 -18.13 -23.70 -31.35
C PRO A 130 -17.26 -22.62 -30.67
N LEU A 131 -17.54 -22.32 -29.41
CA LEU A 131 -16.71 -21.37 -28.65
C LEU A 131 -15.24 -21.77 -28.57
N ALA A 132 -14.98 -23.08 -28.52
CA ALA A 132 -13.61 -23.59 -28.49
C ALA A 132 -12.89 -23.39 -29.84
N ALA A 133 -13.64 -23.36 -30.93
CA ALA A 133 -13.08 -23.05 -32.24
C ALA A 133 -12.76 -21.56 -32.36
N LEU A 134 -13.60 -20.75 -31.72
CA LEU A 134 -13.45 -19.29 -31.76
C LEU A 134 -12.34 -18.82 -30.82
N TYR A 135 -12.34 -19.36 -29.60
CA TYR A 135 -11.37 -18.99 -28.58
C TYR A 135 -10.53 -20.18 -28.16
N SER A 136 -9.31 -20.28 -28.68
CA SER A 136 -8.44 -21.42 -28.39
C SER A 136 -7.96 -21.42 -26.93
N THR A 137 -7.74 -20.23 -26.37
CA THR A 137 -7.29 -20.08 -24.99
C THR A 137 -8.37 -19.38 -24.15
N SER A 138 -8.41 -19.69 -22.85
CA SER A 138 -9.35 -19.06 -21.92
C SER A 138 -10.74 -18.92 -22.55
N THR A 139 -11.29 -20.04 -23.02
CA THR A 139 -12.45 -20.03 -23.89
C THR A 139 -13.65 -19.30 -23.29
N MET A 140 -14.08 -19.74 -22.11
CA MET A 140 -15.24 -19.13 -21.45
C MET A 140 -14.99 -17.68 -21.06
N GLU A 141 -13.75 -17.37 -20.66
CA GLU A 141 -13.43 -16.02 -20.17
C GLU A 141 -13.48 -15.00 -21.30
N GLN A 142 -12.97 -15.38 -22.47
CA GLN A 142 -13.09 -14.54 -23.65
C GLN A 142 -14.57 -14.34 -24.01
N HIS A 143 -15.38 -15.38 -23.82
CA HIS A 143 -16.81 -15.28 -24.03
C HIS A 143 -17.48 -14.35 -23.03
N HIS A 144 -17.09 -14.44 -21.75
CA HIS A 144 -17.63 -13.55 -20.72
C HIS A 144 -17.40 -12.09 -21.10
N PHE A 145 -16.18 -11.77 -21.54
CA PHE A 145 -15.87 -10.40 -21.95
C PHE A 145 -16.69 -9.96 -23.17
N SER A 146 -16.80 -10.85 -24.16
CA SER A 146 -17.62 -10.60 -25.35
C SER A 146 -19.07 -10.27 -24.97
N GLN A 147 -19.61 -11.03 -24.03
CA GLN A 147 -20.96 -10.77 -23.50
C GLN A 147 -21.09 -9.41 -22.80
N THR A 148 -20.09 -9.01 -22.05
CA THR A 148 -20.04 -7.77 -21.33
C THR A 148 -20.15 -6.62 -22.30
N VAL A 149 -19.30 -6.67 -23.29
CA VAL A 149 -19.24 -5.67 -24.37
C VAL A 149 -20.58 -5.57 -25.10
N SER A 150 -21.19 -6.71 -25.42
CA SER A 150 -22.48 -6.74 -26.10
C SER A 150 -23.56 -6.05 -25.27
N ILE A 151 -23.54 -6.25 -23.96
CA ILE A 151 -24.51 -5.61 -23.08
C ILE A 151 -24.28 -4.10 -23.04
N LEU A 152 -23.03 -3.67 -22.96
CA LEU A 152 -22.68 -2.24 -22.99
C LEU A 152 -23.15 -1.56 -24.28
N GLN A 153 -23.17 -2.31 -25.38
CA GLN A 153 -23.58 -1.76 -26.69
C GLN A 153 -25.09 -1.64 -26.87
N LEU A 154 -25.88 -2.22 -25.97
CA LEU A 154 -27.34 -2.09 -26.02
C LEU A 154 -27.76 -0.66 -25.76
N GLU A 155 -28.87 -0.24 -26.36
CA GLU A 155 -29.34 1.14 -26.22
C GLU A 155 -29.60 1.48 -24.76
N GLY A 156 -29.05 2.59 -24.30
CA GLY A 156 -29.21 3.04 -22.92
C GLY A 156 -28.46 2.23 -21.88
N HIS A 157 -27.54 1.38 -22.33
CA HIS A 157 -26.77 0.50 -21.42
C HIS A 157 -25.32 0.91 -21.25
N ASN A 158 -24.83 1.87 -22.04
CA ASN A 158 -23.44 2.30 -21.92
C ASN A 158 -23.26 3.16 -20.67
N ILE A 159 -23.02 2.47 -19.56
CA ILE A 159 -22.77 3.11 -18.27
C ILE A 159 -21.49 3.95 -18.24
N PHE A 160 -20.63 3.79 -19.24
CA PHE A 160 -19.43 4.60 -19.37
C PHE A 160 -19.61 5.74 -20.40
N SER A 161 -20.85 6.17 -20.60
CA SER A 161 -21.19 7.24 -21.57
C SER A 161 -20.43 8.53 -21.37
N THR A 162 -20.26 8.93 -20.11
CA THR A 162 -19.70 10.23 -19.77
C THR A 162 -18.17 10.27 -19.83
N LEU A 163 -17.53 9.11 -19.92
CA LEU A 163 -16.07 9.03 -20.07
C LEU A 163 -15.64 9.58 -21.43
N SER A 164 -14.41 10.09 -21.49
CA SER A 164 -13.76 10.39 -22.76
C SER A 164 -13.48 9.08 -23.48
N SER A 165 -13.27 9.14 -24.79
CA SER A 165 -12.90 7.95 -25.55
C SER A 165 -11.66 7.30 -24.94
N SER A 166 -10.66 8.12 -24.61
CA SER A 166 -9.44 7.66 -23.96
C SER A 166 -9.74 6.87 -22.69
N GLU A 167 -10.58 7.43 -21.83
CA GLU A 167 -10.95 6.78 -20.57
C GLU A 167 -11.78 5.52 -20.82
N TYR A 168 -12.70 5.58 -21.76
CA TYR A 168 -13.51 4.42 -22.13
C TYR A 168 -12.63 3.24 -22.53
N GLU A 169 -11.64 3.49 -23.39
CA GLU A 169 -10.73 2.43 -23.84
C GLU A 169 -9.93 1.84 -22.66
N GLN A 170 -9.47 2.70 -21.74
CA GLN A 170 -8.74 2.24 -20.56
C GLN A 170 -9.58 1.33 -19.66
N VAL A 171 -10.83 1.71 -19.40
CA VAL A 171 -11.67 0.92 -18.50
C VAL A 171 -12.09 -0.42 -19.12
N LEU A 172 -12.33 -0.43 -20.43
CA LEU A 172 -12.63 -1.68 -21.13
C LEU A 172 -11.44 -2.64 -21.11
N GLU A 173 -10.24 -2.08 -21.19
CA GLU A 173 -9.02 -2.88 -21.08
C GLU A 173 -8.81 -3.39 -19.64
N ILE A 174 -9.10 -2.56 -18.64
CA ILE A 174 -9.09 -2.99 -17.24
C ILE A 174 -10.04 -4.19 -17.07
N ILE A 175 -11.26 -4.04 -17.58
CA ILE A 175 -12.27 -5.09 -17.50
C ILE A 175 -11.84 -6.36 -18.25
N ARG A 176 -11.32 -6.21 -19.46
CA ARG A 176 -10.88 -7.35 -20.26
C ARG A 176 -9.83 -8.17 -19.52
N LYS A 177 -8.73 -7.52 -19.14
CA LYS A 177 -7.64 -8.18 -18.41
C LYS A 177 -8.13 -8.87 -17.14
N ALA A 178 -8.99 -8.18 -16.39
CA ALA A 178 -9.52 -8.70 -15.13
C ALA A 178 -10.36 -9.97 -15.33
N ILE A 179 -11.22 -9.96 -16.34
CA ILE A 179 -12.08 -11.12 -16.63
C ILE A 179 -11.22 -12.30 -17.12
N ILE A 180 -10.25 -12.03 -17.98
CA ILE A 180 -9.33 -13.08 -18.47
C ILE A 180 -8.55 -13.71 -17.31
N ALA A 181 -8.17 -12.89 -16.32
CA ALA A 181 -7.41 -13.36 -15.16
C ALA A 181 -8.18 -14.35 -14.29
N THR A 182 -9.50 -14.39 -14.40
CA THR A 182 -10.31 -15.37 -13.65
C THR A 182 -10.20 -16.79 -14.23
N ASP A 183 -9.53 -16.96 -15.36
CA ASP A 183 -9.13 -18.28 -15.82
C ASP A 183 -8.05 -18.81 -14.88
N LEU A 184 -8.43 -19.74 -14.01
CA LEU A 184 -7.54 -20.25 -12.96
C LEU A 184 -6.24 -20.83 -13.53
N ALA A 185 -6.29 -21.35 -14.76
CA ALA A 185 -5.09 -21.85 -15.44
C ALA A 185 -3.98 -20.79 -15.55
N LEU A 186 -4.36 -19.52 -15.64
CA LEU A 186 -3.39 -18.42 -15.73
C LEU A 186 -2.91 -17.93 -14.35
N TYR A 187 -3.63 -18.31 -13.30
CA TYR A 187 -3.31 -17.86 -11.93
C TYR A 187 -1.97 -18.38 -11.42
N PHE A 188 -1.67 -19.66 -11.71
CA PHE A 188 -0.47 -20.30 -11.17
C PHE A 188 0.79 -19.57 -11.61
N GLY A 189 0.89 -19.29 -12.91
CA GLY A 189 2.01 -18.53 -13.45
C GLY A 189 2.07 -17.10 -12.94
N ASN A 190 0.90 -16.47 -12.80
CA ASN A 190 0.82 -15.09 -12.31
C ASN A 190 1.28 -14.96 -10.87
N ARG A 191 0.77 -15.85 -10.01
CA ARG A 191 1.14 -15.85 -8.59
C ARG A 191 2.63 -16.07 -8.41
N LYS A 192 3.17 -17.04 -9.14
CA LYS A 192 4.61 -17.36 -9.11
C LYS A 192 5.46 -16.13 -9.44
N GLN A 193 5.08 -15.41 -10.50
CA GLN A 193 5.80 -14.20 -10.89
C GLN A 193 5.72 -13.13 -9.81
N LEU A 194 4.52 -12.90 -9.27
CA LEU A 194 4.30 -11.92 -8.21
C LEU A 194 5.12 -12.22 -6.94
N GLU A 195 5.19 -13.50 -6.60
CA GLU A 195 6.00 -13.95 -5.46
C GLU A 195 7.45 -13.52 -5.63
N GLU A 196 8.01 -13.83 -6.79
CA GLU A 196 9.41 -13.47 -7.11
C GLU A 196 9.64 -11.97 -7.04
N MET A 197 8.76 -11.19 -7.67
CA MET A 197 8.90 -9.74 -7.70
C MET A 197 8.73 -9.12 -6.30
N TYR A 198 7.89 -9.72 -5.47
CA TYR A 198 7.71 -9.27 -4.10
C TYR A 198 8.97 -9.50 -3.26
N GLN A 199 9.53 -10.71 -3.36
CA GLN A 199 10.72 -11.09 -2.59
C GLN A 199 11.95 -10.26 -2.94
N THR A 200 12.13 -9.96 -4.22
CA THR A 200 13.29 -9.21 -4.69
C THR A 200 13.15 -7.70 -4.53
N GLY A 201 11.94 -7.23 -4.23
CA GLY A 201 11.67 -5.79 -4.16
C GLY A 201 11.42 -5.17 -5.53
N SER A 202 11.31 -6.02 -6.54
CA SER A 202 11.08 -5.60 -7.92
C SER A 202 9.65 -5.09 -8.11
N LEU A 203 8.71 -5.69 -7.40
CA LEU A 203 7.30 -5.36 -7.53
C LEU A 203 7.02 -3.87 -7.29
N ASN A 204 6.28 -3.26 -8.20
CA ASN A 204 6.08 -1.82 -8.22
C ASN A 204 4.72 -1.51 -8.85
N LEU A 205 3.78 -1.06 -8.02
CA LEU A 205 2.42 -0.76 -8.48
C LEU A 205 2.34 0.41 -9.46
N ASN A 206 3.44 1.16 -9.60
CA ASN A 206 3.53 2.22 -10.60
C ASN A 206 3.88 1.68 -12.00
N ASN A 207 4.35 0.43 -12.04
CA ASN A 207 4.62 -0.28 -13.29
C ASN A 207 3.31 -0.94 -13.73
N GLN A 208 2.83 -0.60 -14.93
CA GLN A 208 1.51 -1.05 -15.38
C GLN A 208 1.39 -2.57 -15.49
N SER A 209 2.39 -3.22 -16.08
CA SER A 209 2.41 -4.69 -16.17
C SER A 209 2.41 -5.37 -14.80
N HIS A 210 3.10 -4.79 -13.83
CA HIS A 210 3.09 -5.30 -12.45
C HIS A 210 1.69 -5.09 -11.85
N ARG A 211 1.13 -3.91 -12.10
CA ARG A 211 -0.19 -3.53 -11.63
C ARG A 211 -1.27 -4.48 -12.18
N ASP A 212 -1.18 -4.76 -13.48
CA ASP A 212 -2.09 -5.73 -14.13
C ASP A 212 -2.02 -7.11 -13.46
N ARG A 213 -0.82 -7.55 -13.09
CA ARG A 213 -0.66 -8.82 -12.37
C ARG A 213 -1.34 -8.81 -10.99
N VAL A 214 -1.16 -7.72 -10.25
CA VAL A 214 -1.73 -7.62 -8.90
C VAL A 214 -3.26 -7.64 -8.97
N ILE A 215 -3.82 -6.89 -9.91
CA ILE A 215 -5.25 -6.93 -10.19
C ILE A 215 -5.70 -8.34 -10.56
N GLY A 216 -4.89 -9.03 -11.35
CA GLY A 216 -5.18 -10.42 -11.73
C GLY A 216 -5.29 -11.31 -10.51
N LEU A 217 -4.35 -11.17 -9.58
CA LEU A 217 -4.39 -11.91 -8.33
C LEU A 217 -5.61 -11.54 -7.49
N MET A 218 -5.92 -10.24 -7.41
CA MET A 218 -7.14 -9.77 -6.74
C MET A 218 -8.39 -10.46 -7.31
N MET A 219 -8.43 -10.58 -8.63
CA MET A 219 -9.55 -11.24 -9.30
C MET A 219 -9.66 -12.72 -8.92
N THR A 220 -8.53 -13.42 -8.88
CA THR A 220 -8.52 -14.81 -8.40
C THR A 220 -9.04 -14.90 -6.95
N ALA A 221 -8.55 -14.02 -6.10
CA ALA A 221 -8.92 -14.00 -4.69
C ALA A 221 -10.43 -13.80 -4.48
N CYS A 222 -11.00 -12.89 -5.27
CA CYS A 222 -12.43 -12.63 -5.24
C CYS A 222 -13.21 -13.80 -5.80
N ASP A 223 -12.72 -14.35 -6.91
CA ASP A 223 -13.38 -15.48 -7.55
C ASP A 223 -13.49 -16.70 -6.64
N LEU A 224 -12.45 -16.96 -5.87
CA LEU A 224 -12.40 -18.11 -4.98
C LEU A 224 -12.94 -17.83 -3.59
N CYS A 225 -13.53 -16.68 -3.37
CA CYS A 225 -13.82 -16.21 -2.01
C CYS A 225 -14.79 -17.10 -1.21
N SER A 226 -15.42 -18.06 -1.87
CA SER A 226 -16.19 -19.09 -1.17
C SER A 226 -15.39 -19.69 -0.01
N VAL A 227 -14.10 -19.96 -0.26
CA VAL A 227 -13.21 -20.56 0.75
C VAL A 227 -12.80 -19.59 1.87
N THR A 228 -13.26 -18.35 1.81
CA THR A 228 -12.93 -17.33 2.81
C THR A 228 -14.15 -16.88 3.62
N LYS A 229 -15.28 -17.56 3.45
CA LYS A 229 -16.45 -17.30 4.27
C LYS A 229 -16.35 -18.11 5.55
N LEU A 230 -17.30 -17.91 6.47
CA LEU A 230 -17.36 -18.72 7.68
C LEU A 230 -17.75 -20.14 7.32
N TRP A 231 -17.38 -21.10 8.16
CA TRP A 231 -17.52 -22.53 7.84
C TRP A 231 -18.92 -22.94 7.34
N PRO A 232 -19.99 -22.49 8.02
CA PRO A 232 -21.33 -22.91 7.56
C PRO A 232 -21.65 -22.52 6.12
N VAL A 233 -21.21 -21.33 5.70
CA VAL A 233 -21.39 -20.86 4.33
C VAL A 233 -20.49 -21.65 3.37
N THR A 234 -19.22 -21.76 3.73
CA THR A 234 -18.23 -22.49 2.92
C THR A 234 -18.66 -23.95 2.67
N LYS A 235 -19.20 -24.61 3.69
CA LYS A 235 -19.63 -26.00 3.59
C LYS A 235 -20.86 -26.17 2.69
N LEU A 236 -21.83 -25.27 2.81
CA LEU A 236 -23.04 -25.30 1.98
C LEU A 236 -22.74 -24.97 0.52
N THR A 237 -21.87 -23.99 0.29
CA THR A 237 -21.49 -23.60 -1.07
C THR A 237 -20.81 -24.74 -1.82
N ALA A 238 -20.09 -25.59 -1.09
CA ALA A 238 -19.44 -26.77 -1.66
C ALA A 238 -20.44 -27.69 -2.38
N ASN A 239 -21.66 -27.80 -1.84
CA ASN A 239 -22.71 -28.58 -2.49
C ASN A 239 -23.03 -28.04 -3.88
N ASP A 240 -23.06 -26.71 -4.02
CA ASP A 240 -23.34 -26.07 -5.30
C ASP A 240 -22.23 -26.33 -6.32
N ILE A 241 -20.98 -26.25 -5.87
CA ILE A 241 -19.82 -26.41 -6.74
C ILE A 241 -19.76 -27.84 -7.30
N TYR A 242 -19.98 -28.81 -6.43
CA TYR A 242 -19.96 -30.22 -6.83
C TYR A 242 -21.16 -30.60 -7.70
N ALA A 243 -22.31 -29.96 -7.47
CA ALA A 243 -23.46 -30.15 -8.34
C ALA A 243 -23.06 -29.86 -9.78
N GLU A 244 -22.35 -28.77 -10.00
CA GLU A 244 -21.83 -28.44 -11.32
C GLU A 244 -20.77 -29.41 -11.81
N PHE A 245 -19.74 -29.64 -10.99
CA PHE A 245 -18.64 -30.53 -11.34
C PHE A 245 -19.10 -31.94 -11.69
N TRP A 246 -19.99 -32.49 -10.87
CA TRP A 246 -20.46 -33.87 -11.08
C TRP A 246 -21.29 -33.97 -12.36
N ALA A 247 -22.07 -32.92 -12.65
CA ALA A 247 -22.80 -32.81 -13.91
C ALA A 247 -21.87 -32.82 -15.12
N GLU A 248 -20.75 -32.10 -15.03
CA GLU A 248 -19.74 -32.12 -16.10
C GLU A 248 -19.10 -33.50 -16.23
N GLY A 249 -18.80 -34.13 -15.09
CA GLY A 249 -18.27 -35.49 -15.07
C GLY A 249 -19.21 -36.50 -15.70
N ASP A 250 -20.51 -36.32 -15.47
CA ASP A 250 -21.54 -37.13 -16.15
C ASP A 250 -21.43 -36.96 -17.67
N GLU A 251 -21.29 -35.71 -18.11
CA GLU A 251 -21.20 -35.41 -19.54
C GLU A 251 -19.92 -35.96 -20.15
N MET A 252 -18.82 -35.93 -19.41
CA MET A 252 -17.57 -36.52 -19.86
C MET A 252 -17.74 -38.02 -20.12
N LYS A 253 -18.40 -38.70 -19.18
CA LYS A 253 -18.70 -40.12 -19.35
C LYS A 253 -19.57 -40.39 -20.58
N LYS A 254 -20.44 -39.45 -20.93
CA LYS A 254 -21.27 -39.56 -22.14
C LYS A 254 -20.48 -39.37 -23.43
N LEU A 255 -19.33 -38.71 -23.36
CA LEU A 255 -18.40 -38.62 -24.50
C LEU A 255 -17.44 -39.81 -24.55
N GLY A 256 -17.57 -40.74 -23.61
CA GLY A 256 -16.68 -41.89 -23.52
C GLY A 256 -15.33 -41.56 -22.90
N ILE A 257 -15.31 -40.57 -22.02
CA ILE A 257 -14.09 -40.12 -21.37
C ILE A 257 -14.27 -40.21 -19.86
N GLN A 258 -13.34 -40.88 -19.17
CA GLN A 258 -13.39 -40.94 -17.72
C GLN A 258 -13.00 -39.58 -17.16
N PRO A 259 -13.89 -38.98 -16.35
CA PRO A 259 -13.58 -37.67 -15.81
C PRO A 259 -12.58 -37.78 -14.66
N ILE A 260 -11.91 -36.68 -14.33
CA ILE A 260 -11.05 -36.64 -13.16
C ILE A 260 -11.91 -36.85 -11.91
N PRO A 261 -11.32 -37.41 -10.83
CA PRO A 261 -12.08 -37.73 -9.62
C PRO A 261 -12.95 -36.60 -9.07
N MET A 262 -12.46 -35.36 -9.13
CA MET A 262 -13.22 -34.19 -8.65
C MET A 262 -14.59 -34.07 -9.31
N MET A 263 -14.67 -34.43 -10.59
CA MET A 263 -15.91 -34.36 -11.33
C MET A 263 -16.66 -35.68 -11.36
N ASP A 264 -16.12 -36.70 -10.70
CA ASP A 264 -16.74 -38.03 -10.69
C ASP A 264 -17.64 -38.22 -9.48
N ARG A 265 -18.94 -38.17 -9.73
CA ARG A 265 -19.99 -38.46 -8.76
C ARG A 265 -19.75 -39.72 -7.91
N ASP A 266 -19.18 -40.75 -8.53
CA ASP A 266 -18.92 -42.02 -7.83
C ASP A 266 -17.80 -41.94 -6.78
N LYS A 267 -17.00 -40.88 -6.81
CA LYS A 267 -15.90 -40.73 -5.87
C LYS A 267 -16.16 -39.63 -4.82
N LYS A 268 -17.40 -39.58 -4.33
CA LYS A 268 -17.80 -38.61 -3.30
C LYS A 268 -16.95 -38.66 -2.03
N ASP A 269 -16.57 -39.86 -1.62
CA ASP A 269 -15.84 -40.05 -0.36
C ASP A 269 -14.47 -39.35 -0.34
N GLU A 270 -13.96 -39.02 -1.53
CA GLU A 270 -12.67 -38.34 -1.66
C GLU A 270 -12.74 -36.80 -1.56
N VAL A 271 -13.94 -36.28 -1.28
CA VAL A 271 -14.16 -34.83 -1.19
C VAL A 271 -13.28 -34.16 -0.12
N PRO A 272 -13.30 -34.67 1.14
CA PRO A 272 -12.48 -34.04 2.18
C PRO A 272 -10.99 -33.91 1.81
N GLN A 273 -10.41 -34.98 1.27
CA GLN A 273 -9.00 -34.98 0.87
C GLN A 273 -8.77 -34.10 -0.34
N GLY A 274 -9.71 -34.13 -1.29
CA GLY A 274 -9.65 -33.28 -2.46
C GLY A 274 -9.64 -31.79 -2.10
N GLN A 275 -10.47 -31.43 -1.14
CA GLN A 275 -10.53 -30.05 -0.64
C GLN A 275 -9.20 -29.64 0.01
N LEU A 276 -8.68 -30.50 0.90
CA LEU A 276 -7.35 -30.30 1.49
C LEU A 276 -6.32 -29.91 0.44
N GLY A 277 -6.23 -30.74 -0.60
CA GLY A 277 -5.27 -30.54 -1.69
C GLY A 277 -5.40 -29.18 -2.35
N PHE A 278 -6.64 -28.72 -2.53
CA PHE A 278 -6.92 -27.44 -3.17
C PHE A 278 -6.52 -26.26 -2.31
N TYR A 279 -6.87 -26.32 -1.02
CA TYR A 279 -6.47 -25.28 -0.07
C TYR A 279 -4.93 -25.16 -0.03
N ASN A 280 -4.25 -26.30 0.08
CA ASN A 280 -2.79 -26.32 0.12
C ASN A 280 -2.14 -25.87 -1.17
N ALA A 281 -2.65 -26.35 -2.31
CA ALA A 281 -2.05 -26.09 -3.62
C ALA A 281 -2.48 -24.76 -4.25
N VAL A 282 -3.70 -24.30 -3.97
CA VAL A 282 -4.25 -23.14 -4.67
C VAL A 282 -4.63 -22.00 -3.72
N ALA A 283 -5.56 -22.26 -2.81
CA ALA A 283 -6.19 -21.20 -2.02
C ALA A 283 -5.23 -20.51 -1.04
N ILE A 284 -4.55 -21.30 -0.21
CA ILE A 284 -3.64 -20.72 0.79
C ILE A 284 -2.51 -19.91 0.13
N PRO A 285 -1.88 -20.44 -0.94
CA PRO A 285 -0.89 -19.63 -1.64
C PRO A 285 -1.44 -18.33 -2.24
N CYS A 286 -2.65 -18.37 -2.79
CA CYS A 286 -3.29 -17.19 -3.37
C CYS A 286 -3.44 -16.06 -2.35
N TYR A 287 -4.02 -16.37 -1.20
CA TYR A 287 -4.29 -15.36 -0.16
C TYR A 287 -3.05 -15.00 0.63
N THR A 288 -2.08 -15.92 0.72
CA THR A 288 -0.79 -15.62 1.32
C THR A 288 -0.07 -14.55 0.50
N THR A 289 0.00 -14.76 -0.81
CA THR A 289 0.67 -13.81 -1.71
C THR A 289 -0.06 -12.48 -1.77
N LEU A 290 -1.40 -12.52 -1.82
CA LEU A 290 -2.21 -11.31 -1.83
C LEU A 290 -2.03 -10.50 -0.55
N THR A 291 -1.94 -11.19 0.58
CA THR A 291 -1.74 -10.55 1.88
C THR A 291 -0.34 -9.93 1.99
N GLN A 292 0.63 -10.55 1.37
CA GLN A 292 1.96 -10.02 1.30
C GLN A 292 1.95 -8.71 0.55
N ILE A 293 1.31 -8.71 -0.60
CA ILE A 293 1.27 -7.54 -1.46
C ILE A 293 0.33 -6.46 -0.91
N LEU A 294 -0.85 -6.88 -0.43
CA LEU A 294 -1.85 -5.97 0.13
C LEU A 294 -2.24 -6.41 1.56
N PRO A 295 -1.45 -6.00 2.57
CA PRO A 295 -1.68 -6.47 3.95
C PRO A 295 -3.10 -6.33 4.51
N PRO A 296 -3.84 -5.28 4.13
CA PRO A 296 -5.22 -5.19 4.63
C PRO A 296 -6.19 -6.29 4.14
N THR A 297 -5.76 -7.14 3.20
CA THR A 297 -6.56 -8.30 2.78
C THR A 297 -6.35 -9.53 3.67
N GLU A 298 -5.63 -9.33 4.78
CA GLU A 298 -5.33 -10.38 5.76
C GLU A 298 -6.52 -11.23 6.22
N PRO A 299 -7.70 -10.62 6.47
CA PRO A 299 -8.84 -11.43 6.90
C PRO A 299 -9.22 -12.58 5.96
N LEU A 300 -9.02 -12.39 4.65
CA LEU A 300 -9.31 -13.46 3.68
C LEU A 300 -8.41 -14.67 3.93
N LEU A 301 -7.14 -14.42 4.25
CA LEU A 301 -6.17 -15.47 4.52
C LEU A 301 -6.49 -16.22 5.81
N LYS A 302 -6.84 -15.47 6.86
CA LYS A 302 -7.22 -16.05 8.15
C LYS A 302 -8.42 -16.99 7.99
N ALA A 303 -9.47 -16.51 7.33
CA ALA A 303 -10.67 -17.30 7.09
C ALA A 303 -10.40 -18.52 6.21
N CYS A 304 -9.50 -18.38 5.25
CA CYS A 304 -9.06 -19.50 4.43
C CYS A 304 -8.39 -20.57 5.29
N ARG A 305 -7.48 -20.14 6.16
CA ARG A 305 -6.80 -21.03 7.10
C ARG A 305 -7.79 -21.73 8.02
N ASP A 306 -8.78 -21.00 8.51
CA ASP A 306 -9.81 -21.58 9.38
C ASP A 306 -10.61 -22.67 8.67
N ASN A 307 -10.92 -22.46 7.39
CA ASN A 307 -11.65 -23.48 6.62
C ASN A 307 -10.78 -24.70 6.33
N LEU A 308 -9.49 -24.47 6.11
CA LEU A 308 -8.52 -25.55 5.99
C LEU A 308 -8.55 -26.43 7.26
N SER A 309 -8.56 -25.79 8.44
CA SER A 309 -8.66 -26.52 9.71
C SER A 309 -9.96 -27.34 9.81
N GLN A 310 -11.06 -26.79 9.28
CA GLN A 310 -12.35 -27.49 9.32
C GLN A 310 -12.35 -28.74 8.43
N TRP A 311 -11.77 -28.65 7.24
CA TRP A 311 -11.67 -29.81 6.35
C TRP A 311 -10.75 -30.89 6.92
N GLU A 312 -9.70 -30.48 7.62
CA GLU A 312 -8.81 -31.42 8.32
C GLU A 312 -9.59 -32.20 9.39
N LYS A 313 -10.52 -31.52 10.07
CA LYS A 313 -11.36 -32.16 11.08
C LYS A 313 -12.40 -33.12 10.48
N VAL A 314 -12.88 -32.84 9.28
CA VAL A 314 -13.79 -33.74 8.56
C VAL A 314 -13.06 -35.05 8.25
N ILE A 315 -11.83 -34.93 7.75
CA ILE A 315 -11.00 -36.09 7.41
C ILE A 315 -10.77 -36.99 8.63
N ARG A 316 -10.46 -36.38 9.76
CA ARG A 316 -10.24 -37.10 11.00
C ARG A 316 -11.52 -37.73 11.49
N GLY A 317 -12.61 -36.99 11.43
CA GLY A 317 -13.88 -37.47 11.90
C GLY A 317 -14.44 -36.65 13.04
N GLU A 318 -14.04 -35.39 13.14
CA GLU A 318 -14.46 -34.56 14.24
C GLU A 318 -15.48 -33.51 13.85
N PHE B 11 33.63 -2.78 2.06
CA PHE B 11 32.92 -2.82 3.37
C PHE B 11 31.75 -3.79 3.34
N THR B 12 31.59 -4.57 4.42
CA THR B 12 30.49 -5.50 4.57
C THR B 12 29.82 -5.30 5.94
N LEU B 13 28.50 -5.37 5.96
CA LEU B 13 27.72 -5.12 7.18
C LEU B 13 27.71 -6.36 8.08
N PRO B 14 28.13 -6.22 9.35
CA PRO B 14 28.11 -7.35 10.31
C PRO B 14 26.74 -8.01 10.49
N VAL B 15 26.75 -9.23 11.01
CA VAL B 15 25.53 -10.04 11.12
C VAL B 15 24.45 -9.35 11.96
N ARG B 16 24.79 -8.89 13.16
CA ARG B 16 23.82 -8.22 14.04
C ARG B 16 23.22 -6.99 13.36
N LEU B 17 24.01 -6.24 12.64
CA LEU B 17 23.56 -5.05 11.97
C LEU B 17 22.59 -5.38 10.85
N CYS B 18 22.88 -6.42 10.13
CA CYS B 18 22.01 -6.88 9.03
C CYS B 18 20.60 -7.22 9.51
N LYS B 19 20.50 -7.87 10.67
CA LYS B 19 19.19 -8.23 11.21
C LYS B 19 18.47 -7.02 11.80
N GLU B 20 19.17 -6.25 12.63
CA GLU B 20 18.52 -5.20 13.41
C GLU B 20 18.30 -3.89 12.66
N ILE B 21 18.96 -3.72 11.52
CA ILE B 21 18.73 -2.55 10.67
C ILE B 21 17.32 -2.54 10.06
N GLU B 22 16.67 -3.71 10.01
CA GLU B 22 15.29 -3.81 9.53
C GLU B 22 14.27 -3.29 10.54
N LEU B 23 14.66 -3.23 11.81
CA LEU B 23 13.77 -2.72 12.86
C LEU B 23 13.69 -1.20 12.78
N PHE B 24 12.50 -0.66 13.00
CA PHE B 24 12.29 0.79 12.99
C PHE B 24 13.11 1.48 14.08
N HIS B 25 13.22 0.84 15.24
CA HIS B 25 13.95 1.43 16.38
C HIS B 25 15.47 1.19 16.36
N PHE B 26 16.02 0.75 15.22
CA PHE B 26 17.46 0.57 15.06
C PHE B 26 18.23 1.85 15.39
N ASP B 27 19.34 1.69 16.11
CA ASP B 27 20.27 2.78 16.39
C ASP B 27 21.57 2.49 15.64
N ILE B 28 22.13 3.50 14.99
CA ILE B 28 23.26 3.28 14.07
C ILE B 28 24.62 3.14 14.76
N GLY B 29 24.68 3.39 16.06
CA GLY B 29 25.88 3.13 16.85
C GLY B 29 26.88 4.28 16.88
N PRO B 30 27.95 4.13 17.68
CA PRO B 30 28.94 5.18 17.89
C PRO B 30 30.14 5.17 16.93
N PHE B 31 30.20 4.19 16.03
CA PHE B 31 31.32 4.06 15.11
C PHE B 31 31.05 4.83 13.81
N GLU B 32 31.47 6.10 13.80
CA GLU B 32 31.17 7.02 12.70
C GLU B 32 31.56 6.50 11.31
N ASN B 33 32.67 5.80 11.25
CA ASN B 33 33.20 5.33 10.00
C ASN B 33 32.46 4.12 9.40
N MET B 34 31.53 3.57 10.16
CA MET B 34 30.59 2.56 9.64
C MET B 34 29.34 3.18 9.02
N TRP B 35 29.04 4.44 9.33
CA TRP B 35 27.77 5.05 8.89
C TRP B 35 27.65 5.16 7.36
N PRO B 36 28.74 5.53 6.65
CA PRO B 36 28.64 5.53 5.19
C PRO B 36 28.29 4.15 4.62
N GLY B 37 28.92 3.12 5.17
CA GLY B 37 28.61 1.74 4.81
C GLY B 37 27.16 1.35 5.09
N ILE B 38 26.64 1.80 6.22
CA ILE B 38 25.24 1.57 6.57
C ILE B 38 24.34 2.22 5.51
N PHE B 39 24.66 3.44 5.09
CA PHE B 39 23.86 4.14 4.09
C PHE B 39 23.87 3.43 2.74
N VAL B 40 25.04 3.01 2.27
CA VAL B 40 25.13 2.34 0.96
C VAL B 40 24.37 1.00 0.97
N TYR B 41 24.46 0.29 2.08
CA TYR B 41 23.70 -0.94 2.28
C TYR B 41 22.19 -0.71 2.13
N MET B 42 21.71 0.36 2.75
CA MET B 42 20.28 0.72 2.66
C MET B 42 19.87 1.12 1.24
N VAL B 43 20.71 1.89 0.55
CA VAL B 43 20.44 2.26 -0.84
C VAL B 43 20.41 1.02 -1.73
N HIS B 44 21.39 0.13 -1.53
CA HIS B 44 21.51 -1.09 -2.32
C HIS B 44 20.31 -2.04 -2.14
N ARG B 45 19.72 -2.04 -0.95
CA ARG B 45 18.59 -2.92 -0.64
C ARG B 45 17.24 -2.33 -1.05
N SER B 46 17.08 -1.02 -0.88
CA SER B 46 15.79 -0.37 -1.14
C SER B 46 15.66 0.16 -2.57
N CYS B 47 16.77 0.62 -3.15
CA CYS B 47 16.79 1.05 -4.54
C CYS B 47 17.30 -0.07 -5.45
N GLY B 48 18.46 -0.61 -5.12
CA GLY B 48 19.11 -1.65 -5.92
C GLY B 48 20.59 -1.36 -6.11
N THR B 49 21.35 -2.38 -6.51
CA THR B 49 22.78 -2.21 -6.76
C THR B 49 23.08 -1.48 -8.09
N SER B 50 22.06 -1.36 -8.95
CA SER B 50 22.21 -0.69 -10.24
C SER B 50 21.81 0.79 -10.23
N CYS B 51 21.17 1.25 -9.15
CA CYS B 51 20.65 2.62 -9.09
C CYS B 51 21.74 3.68 -9.25
N PHE B 52 22.88 3.46 -8.61
CA PHE B 52 23.98 4.42 -8.59
C PHE B 52 25.32 3.78 -8.95
N GLU B 53 26.18 4.60 -9.56
CA GLU B 53 27.58 4.26 -9.77
C GLU B 53 28.25 4.32 -8.40
N LEU B 54 28.80 3.21 -7.94
CA LEU B 54 29.30 3.11 -6.54
C LEU B 54 30.35 4.16 -6.21
N GLU B 55 31.26 4.41 -7.14
CA GLU B 55 32.31 5.42 -6.94
C GLU B 55 31.71 6.82 -6.77
N LYS B 56 30.73 7.14 -7.60
CA LYS B 56 30.05 8.44 -7.54
C LYS B 56 29.31 8.56 -6.21
N LEU B 57 28.55 7.53 -5.87
CA LEU B 57 27.78 7.51 -4.62
C LEU B 57 28.66 7.71 -3.40
N CYS B 58 29.76 6.96 -3.33
CA CYS B 58 30.70 7.08 -2.22
C CYS B 58 31.34 8.46 -2.16
N ARG B 59 31.70 9.00 -3.29
CA ARG B 59 32.22 10.34 -3.35
C ARG B 59 31.19 11.35 -2.85
N PHE B 60 29.97 11.23 -3.33
CA PHE B 60 28.86 12.07 -2.91
C PHE B 60 28.66 12.04 -1.38
N ILE B 61 28.61 10.83 -0.82
CA ILE B 61 28.37 10.67 0.62
C ILE B 61 29.42 11.39 1.46
N MET B 62 30.68 11.20 1.11
CA MET B 62 31.78 11.80 1.88
C MET B 62 31.78 13.34 1.80
N SER B 63 31.33 13.89 0.67
CA SER B 63 31.17 15.34 0.55
C SER B 63 30.01 15.87 1.39
N VAL B 64 28.91 15.11 1.44
CA VAL B 64 27.77 15.46 2.27
C VAL B 64 28.19 15.47 3.74
N LYS B 65 28.88 14.41 4.16
CA LYS B 65 29.43 14.31 5.52
C LYS B 65 30.26 15.54 5.89
N LYS B 66 31.17 15.93 5.00
CA LYS B 66 32.07 17.06 5.24
C LYS B 66 31.31 18.38 5.42
N ASN B 67 30.12 18.49 4.84
CA ASN B 67 29.32 19.71 4.93
C ASN B 67 28.25 19.68 6.04
N TYR B 68 28.29 18.64 6.88
CA TYR B 68 27.60 18.66 8.17
C TYR B 68 28.55 19.19 9.23
N ARG B 69 28.01 19.91 10.21
CA ARG B 69 28.84 20.58 11.21
C ARG B 69 28.86 19.82 12.53
N ARG B 70 29.90 20.08 13.33
CA ARG B 70 30.06 19.39 14.62
C ARG B 70 29.21 20.07 15.69
N VAL B 71 27.90 19.90 15.57
CA VAL B 71 26.94 20.43 16.52
C VAL B 71 26.32 19.26 17.30
N PRO B 72 25.68 19.54 18.44
CA PRO B 72 25.19 18.45 19.29
C PRO B 72 24.15 17.53 18.67
N TYR B 73 23.21 18.06 17.90
CA TYR B 73 22.09 17.25 17.38
C TYR B 73 21.99 17.23 15.85
N HIS B 74 21.95 18.41 15.21
CA HIS B 74 21.75 18.51 13.77
C HIS B 74 23.03 18.22 12.98
N ASN B 75 23.54 17.01 13.16
CA ASN B 75 24.85 16.60 12.70
C ASN B 75 24.74 15.40 11.75
N TRP B 76 25.90 14.88 11.33
CA TRP B 76 25.99 13.74 10.42
C TRP B 76 25.24 12.49 10.93
N LYS B 77 25.31 12.24 12.25
CA LYS B 77 24.62 11.10 12.84
C LYS B 77 23.11 11.22 12.66
N HIS B 78 22.59 12.43 12.86
CA HIS B 78 21.18 12.70 12.66
C HIS B 78 20.76 12.45 11.21
N ALA B 79 21.60 12.90 10.27
CA ALA B 79 21.32 12.72 8.85
C ALA B 79 21.17 11.24 8.47
N VAL B 80 22.09 10.41 8.94
CA VAL B 80 22.06 8.97 8.62
C VAL B 80 20.92 8.26 9.38
N THR B 81 20.65 8.73 10.60
CA THR B 81 19.54 8.20 11.39
C THR B 81 18.19 8.48 10.72
N VAL B 82 18.05 9.67 10.15
CA VAL B 82 16.83 10.05 9.44
C VAL B 82 16.69 9.25 8.15
N ALA B 83 17.81 9.03 7.46
CA ALA B 83 17.85 8.17 6.28
C ALA B 83 17.39 6.75 6.62
N HIS B 84 17.83 6.23 7.77
CA HIS B 84 17.45 4.88 8.16
C HIS B 84 15.94 4.73 8.39
N CYS B 85 15.32 5.71 9.04
CA CYS B 85 13.87 5.67 9.22
C CYS B 85 13.16 5.63 7.87
N MET B 86 13.63 6.45 6.93
CA MET B 86 13.07 6.41 5.57
C MET B 86 13.25 5.02 4.96
N TYR B 87 14.46 4.46 5.12
CA TYR B 87 14.73 3.11 4.61
C TYR B 87 13.70 2.11 5.15
N ALA B 88 13.42 2.16 6.45
CA ALA B 88 12.46 1.26 7.07
C ALA B 88 11.04 1.48 6.53
N ILE B 89 10.65 2.73 6.34
CA ILE B 89 9.34 3.04 5.74
C ILE B 89 9.29 2.48 4.32
N LEU B 90 10.32 2.71 3.53
CA LEU B 90 10.40 2.22 2.19
C LEU B 90 10.33 0.71 2.09
N GLN B 91 11.09 0.02 2.92
CA GLN B 91 11.15 -1.41 2.87
C GLN B 91 9.83 -2.08 3.26
N ASN B 92 9.07 -1.44 4.12
CA ASN B 92 7.80 -1.94 4.55
C ASN B 92 6.58 -1.47 3.76
N ASN B 93 6.81 -0.59 2.80
CA ASN B 93 5.77 -0.11 1.88
C ASN B 93 6.32 -0.03 0.45
N HIS B 94 7.15 -1.00 0.09
CA HIS B 94 8.03 -0.89 -1.08
C HIS B 94 7.33 -0.84 -2.44
N THR B 95 6.18 -1.51 -2.55
CA THR B 95 5.45 -1.56 -3.82
C THR B 95 4.84 -0.22 -4.25
N LEU B 96 4.76 0.73 -3.33
CA LEU B 96 4.08 2.00 -3.58
C LEU B 96 4.92 3.04 -4.33
N PHE B 97 6.24 2.94 -4.21
CA PHE B 97 7.12 4.04 -4.62
C PHE B 97 7.69 3.88 -6.03
N THR B 98 7.77 4.99 -6.74
CA THR B 98 8.30 5.01 -8.09
C THR B 98 9.81 4.79 -8.09
N ASP B 99 10.35 4.50 -9.27
CA ASP B 99 11.80 4.32 -9.42
C ASP B 99 12.55 5.56 -8.95
N LEU B 100 12.05 6.74 -9.32
CA LEU B 100 12.68 8.00 -8.94
C LEU B 100 12.57 8.29 -7.44
N GLU B 101 11.42 7.98 -6.85
CA GLU B 101 11.24 8.10 -5.40
C GLU B 101 12.18 7.13 -4.65
N ARG B 102 12.35 5.93 -5.20
CA ARG B 102 13.30 4.96 -4.64
C ARG B 102 14.75 5.45 -4.72
N LYS B 103 15.06 6.30 -5.70
CA LYS B 103 16.38 6.90 -5.82
C LYS B 103 16.55 8.14 -4.95
N GLY B 104 15.52 8.99 -4.90
CA GLY B 104 15.64 10.34 -4.34
C GLY B 104 15.38 10.53 -2.85
N LEU B 105 14.54 9.70 -2.26
CA LEU B 105 14.11 9.92 -0.87
C LEU B 105 15.22 9.68 0.16
N LEU B 106 15.98 8.60 0.00
CA LEU B 106 17.12 8.34 0.90
C LEU B 106 18.16 9.44 0.80
N ILE B 107 18.40 9.92 -0.42
CA ILE B 107 19.31 11.03 -0.67
C ILE B 107 18.79 12.32 -0.02
N ALA B 108 17.51 12.59 -0.18
CA ALA B 108 16.87 13.75 0.46
C ALA B 108 17.09 13.74 1.98
N CYS B 109 16.84 12.59 2.59
CA CYS B 109 17.03 12.43 4.04
C CYS B 109 18.48 12.64 4.46
N LEU B 110 19.42 12.09 3.69
CA LEU B 110 20.84 12.26 3.97
C LEU B 110 21.25 13.74 3.92
N CYS B 111 20.65 14.49 2.99
CA CYS B 111 21.03 15.88 2.76
C CYS B 111 20.18 16.92 3.50
N HIS B 112 19.09 16.49 4.13
CA HIS B 112 18.02 17.41 4.56
C HIS B 112 18.41 18.46 5.60
N ASP B 113 19.54 18.28 6.29
CA ASP B 113 20.04 19.27 7.26
C ASP B 113 21.46 19.76 6.98
N LEU B 114 21.87 19.75 5.73
CA LEU B 114 23.19 20.17 5.33
C LEU B 114 23.55 21.54 5.86
N ASP B 115 24.73 21.64 6.46
CA ASP B 115 25.28 22.92 6.93
C ASP B 115 24.43 23.56 8.03
N HIS B 116 23.77 22.74 8.83
CA HIS B 116 22.97 23.22 9.97
C HIS B 116 23.91 23.79 11.05
N ARG B 117 23.54 24.92 11.63
CA ARG B 117 24.40 25.59 12.62
C ARG B 117 23.90 25.38 14.06
N GLY B 118 22.88 24.57 14.22
CA GLY B 118 22.22 24.34 15.51
C GLY B 118 21.22 25.39 15.93
N PHE B 119 20.86 26.30 15.01
CA PHE B 119 19.92 27.38 15.32
C PHE B 119 18.67 27.30 14.45
N SER B 120 17.55 27.78 15.01
CA SER B 120 16.26 27.76 14.34
C SER B 120 16.13 28.89 13.33
N ASN B 121 15.14 28.77 12.46
CA ASN B 121 14.80 29.83 11.50
C ASN B 121 14.45 31.15 12.21
N SER B 122 13.74 31.04 13.33
CA SER B 122 13.36 32.20 14.13
C SER B 122 14.57 32.98 14.65
N TYR B 123 15.58 32.28 15.13
CA TYR B 123 16.79 32.94 15.62
C TYR B 123 17.55 33.67 14.50
N LEU B 124 17.68 33.01 13.35
CA LEU B 124 18.33 33.62 12.17
C LEU B 124 17.64 34.92 11.75
N GLN B 125 16.31 34.90 11.76
CA GLN B 125 15.49 36.08 11.48
C GLN B 125 15.77 37.20 12.48
N LYS B 126 15.75 36.86 13.77
CA LYS B 126 15.96 37.84 14.83
C LYS B 126 17.40 38.34 14.89
N PHE B 127 18.36 37.47 14.59
CA PHE B 127 19.76 37.89 14.47
C PHE B 127 19.97 38.76 13.23
N ASP B 128 19.12 38.58 12.22
CA ASP B 128 19.25 39.25 10.92
C ASP B 128 20.41 38.63 10.13
N HIS B 129 20.47 37.31 10.15
CA HIS B 129 21.48 36.55 9.42
C HIS B 129 21.21 36.66 7.91
N PRO B 130 22.28 36.70 7.08
CA PRO B 130 22.12 36.83 5.61
C PRO B 130 21.18 35.82 4.95
N LEU B 131 21.19 34.57 5.43
CA LEU B 131 20.25 33.55 4.94
C LEU B 131 18.78 33.95 5.12
N ALA B 132 18.47 34.66 6.21
CA ALA B 132 17.11 35.15 6.46
C ALA B 132 16.67 36.18 5.42
N ALA B 133 17.63 36.96 4.90
CA ALA B 133 17.36 37.91 3.83
C ALA B 133 17.22 37.20 2.48
N LEU B 134 18.01 36.14 2.29
CA LEU B 134 17.98 35.36 1.04
C LEU B 134 16.73 34.49 0.95
N TYR B 135 16.41 33.80 2.05
CA TYR B 135 15.23 32.94 2.13
C TYR B 135 14.30 33.41 3.25
N SER B 136 13.19 34.05 2.87
CA SER B 136 12.25 34.61 3.85
C SER B 136 11.49 33.53 4.62
N THR B 137 11.08 32.47 3.91
CA THR B 137 10.37 31.35 4.52
C THR B 137 11.23 30.09 4.51
N SER B 138 10.99 29.20 5.47
CA SER B 138 11.73 27.94 5.58
C SER B 138 13.23 28.15 5.33
N THR B 139 13.81 29.11 6.05
CA THR B 139 15.13 29.64 5.76
C THR B 139 16.23 28.56 5.66
N MET B 140 16.38 27.77 6.71
CA MET B 140 17.42 26.74 6.74
C MET B 140 17.16 25.64 5.72
N GLU B 141 15.89 25.34 5.49
CA GLU B 141 15.49 24.24 4.61
C GLU B 141 15.80 24.58 3.14
N GLN B 142 15.58 25.84 2.76
CA GLN B 142 15.97 26.30 1.44
C GLN B 142 17.50 26.26 1.30
N HIS B 143 18.21 26.60 2.38
CA HIS B 143 19.66 26.49 2.39
C HIS B 143 20.10 25.04 2.25
N HIS B 144 19.42 24.15 2.97
CA HIS B 144 19.77 22.72 2.90
C HIS B 144 19.68 22.20 1.47
N PHE B 145 18.62 22.60 0.75
CA PHE B 145 18.46 22.19 -0.65
C PHE B 145 19.53 22.81 -1.55
N SER B 146 19.83 24.09 -1.35
CA SER B 146 20.89 24.76 -2.10
C SER B 146 22.23 24.04 -1.92
N GLN B 147 22.50 23.61 -0.72
CA GLN B 147 23.70 22.87 -0.39
C GLN B 147 23.77 21.56 -1.12
N THR B 148 22.63 20.91 -1.23
CA THR B 148 22.49 19.67 -1.92
C THR B 148 22.81 19.82 -3.39
N VAL B 149 22.27 20.83 -4.03
CA VAL B 149 22.50 21.09 -5.42
C VAL B 149 23.97 21.41 -5.68
N SER B 150 24.60 22.18 -4.82
CA SER B 150 26.01 22.51 -4.95
C SER B 150 26.88 21.27 -4.92
N ILE B 151 26.61 20.38 -3.97
CA ILE B 151 27.38 19.14 -3.89
C ILE B 151 27.16 18.29 -5.16
N LEU B 152 25.91 18.19 -5.61
CA LEU B 152 25.59 17.45 -6.84
C LEU B 152 26.32 18.00 -8.08
N GLN B 153 26.55 19.31 -8.09
CA GLN B 153 27.20 19.97 -9.22
C GLN B 153 28.73 19.91 -9.17
N LEU B 154 29.30 19.32 -8.13
CA LEU B 154 30.74 19.12 -8.05
C LEU B 154 31.18 18.03 -9.04
N GLU B 155 32.40 18.18 -9.55
CA GLU B 155 32.94 17.24 -10.53
C GLU B 155 32.91 15.82 -9.95
N GLY B 156 32.29 14.90 -10.69
CA GLY B 156 32.19 13.51 -10.27
C GLY B 156 31.25 13.23 -9.11
N HIS B 157 30.39 14.19 -8.77
CA HIS B 157 29.42 14.01 -7.67
C HIS B 157 27.98 13.86 -8.16
N ASN B 158 27.74 14.01 -9.47
CA ASN B 158 26.38 13.88 -10.01
C ASN B 158 25.95 12.42 -10.10
N ILE B 159 25.39 11.94 -9.00
CA ILE B 159 24.91 10.55 -8.89
C ILE B 159 23.68 10.24 -9.74
N PHE B 160 23.09 11.27 -10.36
CA PHE B 160 21.94 11.10 -11.25
C PHE B 160 22.30 11.33 -12.73
N SER B 161 23.58 11.25 -13.08
CA SER B 161 24.04 11.65 -14.41
C SER B 161 23.53 10.75 -15.54
N THR B 162 23.08 9.54 -15.22
CA THR B 162 22.53 8.60 -16.21
C THR B 162 21.05 8.83 -16.51
N LEU B 163 20.38 9.63 -15.68
CA LEU B 163 18.98 9.98 -15.92
C LEU B 163 18.84 10.91 -17.12
N SER B 164 17.68 10.85 -17.78
CA SER B 164 17.34 11.82 -18.81
C SER B 164 17.21 13.20 -18.17
N SER B 165 17.17 14.25 -18.99
CA SER B 165 16.97 15.61 -18.48
C SER B 165 15.65 15.72 -17.72
N SER B 166 14.60 15.09 -18.26
CA SER B 166 13.29 15.10 -17.61
C SER B 166 13.35 14.41 -16.24
N GLU B 167 13.88 13.19 -16.21
CA GLU B 167 13.99 12.41 -14.98
C GLU B 167 14.83 13.10 -13.90
N TYR B 168 15.94 13.71 -14.32
CA TYR B 168 16.79 14.48 -13.43
C TYR B 168 16.03 15.65 -12.82
N GLU B 169 15.26 16.34 -13.64
CA GLU B 169 14.47 17.49 -13.19
C GLU B 169 13.49 17.05 -12.10
N GLN B 170 12.81 15.94 -12.33
CA GLN B 170 11.77 15.49 -11.39
C GLN B 170 12.35 14.86 -10.11
N VAL B 171 13.49 14.18 -10.17
CA VAL B 171 14.11 13.66 -8.94
C VAL B 171 14.60 14.81 -8.07
N LEU B 172 15.13 15.87 -8.68
CA LEU B 172 15.55 17.06 -7.95
C LEU B 172 14.35 17.75 -7.29
N GLU B 173 13.20 17.71 -7.97
CA GLU B 173 11.96 18.26 -7.43
C GLU B 173 11.42 17.43 -6.25
N ILE B 174 11.51 16.11 -6.36
CA ILE B 174 11.18 15.21 -5.25
C ILE B 174 12.03 15.57 -4.03
N ILE B 175 13.34 15.71 -4.25
CA ILE B 175 14.27 16.04 -3.17
C ILE B 175 13.97 17.41 -2.55
N ARG B 176 13.73 18.41 -3.40
CA ARG B 176 13.42 19.76 -2.92
C ARG B 176 12.18 19.75 -2.01
N LYS B 177 11.08 19.21 -2.52
CA LYS B 177 9.83 19.14 -1.75
C LYS B 177 10.02 18.39 -0.44
N ALA B 178 10.77 17.28 -0.50
CA ALA B 178 11.04 16.47 0.69
C ALA B 178 11.80 17.25 1.76
N ILE B 179 12.87 17.95 1.34
CA ILE B 179 13.67 18.73 2.29
C ILE B 179 12.87 19.91 2.87
N ILE B 180 12.15 20.62 2.00
CA ILE B 180 11.32 21.74 2.44
C ILE B 180 10.28 21.27 3.47
N ALA B 181 9.72 20.08 3.26
CA ALA B 181 8.72 19.51 4.17
C ALA B 181 9.25 19.26 5.60
N THR B 182 10.56 19.20 5.78
CA THR B 182 11.16 19.02 7.12
C THR B 182 11.09 20.29 7.98
N ASP B 183 10.65 21.40 7.42
CA ASP B 183 10.31 22.59 8.21
C ASP B 183 9.02 22.31 8.99
N LEU B 184 9.15 22.19 10.31
CA LEU B 184 8.03 21.76 11.16
C LEU B 184 6.83 22.72 11.11
N ALA B 185 7.09 23.99 10.84
CA ALA B 185 6.03 24.98 10.65
C ALA B 185 5.02 24.55 9.59
N LEU B 186 5.50 23.85 8.55
CA LEU B 186 4.64 23.39 7.45
C LEU B 186 3.89 22.10 7.78
N TYR B 187 4.42 21.30 8.70
CA TYR B 187 3.83 19.99 9.03
C TYR B 187 2.38 20.08 9.50
N PHE B 188 2.09 21.03 10.38
CA PHE B 188 0.76 21.15 11.01
C PHE B 188 -0.35 21.24 9.97
N GLY B 189 -0.19 22.14 9.00
CA GLY B 189 -1.14 22.28 7.91
C GLY B 189 -1.21 21.05 7.03
N ASN B 190 -0.05 20.46 6.74
CA ASN B 190 0.02 19.26 5.90
C ASN B 190 -0.71 18.08 6.54
N ARG B 191 -0.43 17.82 7.81
CA ARG B 191 -1.06 16.72 8.53
C ARG B 191 -2.58 16.89 8.60
N LYS B 192 -3.03 18.12 8.81
CA LYS B 192 -4.47 18.41 8.91
C LYS B 192 -5.17 18.12 7.59
N GLN B 193 -4.56 18.54 6.49
CA GLN B 193 -5.07 18.24 5.15
C GLN B 193 -5.16 16.74 4.91
N LEU B 194 -4.07 16.02 5.20
CA LEU B 194 -4.03 14.57 5.02
C LEU B 194 -5.07 13.85 5.88
N GLU B 195 -5.25 14.32 7.12
CA GLU B 195 -6.25 13.76 8.03
C GLU B 195 -7.65 13.85 7.41
N GLU B 196 -8.00 15.04 6.93
CA GLU B 196 -9.28 15.26 6.25
C GLU B 196 -9.41 14.38 5.00
N MET B 197 -8.36 14.33 4.19
CA MET B 197 -8.33 13.52 2.97
C MET B 197 -8.50 12.03 3.24
N TYR B 198 -7.87 11.55 4.32
CA TYR B 198 -7.99 10.15 4.71
C TYR B 198 -9.41 9.83 5.20
N GLN B 199 -9.98 10.75 5.98
CA GLN B 199 -11.27 10.53 6.61
C GLN B 199 -12.41 10.47 5.59
N THR B 200 -12.36 11.33 4.58
CA THR B 200 -13.41 11.42 3.56
C THR B 200 -13.22 10.45 2.38
N GLY B 201 -12.14 9.67 2.39
CA GLY B 201 -11.81 8.80 1.27
C GLY B 201 -11.32 9.55 0.04
N SER B 202 -10.89 10.79 0.24
CA SER B 202 -10.40 11.64 -0.85
C SER B 202 -8.93 11.32 -1.18
N LEU B 203 -8.17 10.90 -0.17
CA LEU B 203 -6.75 10.61 -0.32
C LEU B 203 -6.49 9.53 -1.38
N ASN B 204 -5.58 9.82 -2.30
CA ASN B 204 -5.31 8.93 -3.42
C ASN B 204 -3.89 9.13 -3.95
N LEU B 205 -3.10 8.05 -3.91
CA LEU B 205 -1.69 8.10 -4.30
C LEU B 205 -1.45 8.28 -5.80
N ASN B 206 -2.50 8.23 -6.59
CA ASN B 206 -2.42 8.52 -8.00
C ASN B 206 -2.53 10.01 -8.29
N ASN B 207 -2.79 10.77 -7.26
CA ASN B 207 -2.85 12.19 -7.36
C ASN B 207 -1.51 12.71 -6.88
N GLN B 208 -0.78 13.39 -7.73
CA GLN B 208 0.60 13.79 -7.43
C GLN B 208 0.70 14.72 -6.21
N SER B 209 -0.23 15.63 -6.09
CA SER B 209 -0.21 16.54 -4.97
C SER B 209 -0.49 15.84 -3.66
N HIS B 210 -1.36 14.86 -3.68
CA HIS B 210 -1.61 14.03 -2.50
C HIS B 210 -0.36 13.22 -2.19
N ARG B 211 0.29 12.75 -3.24
CA ARG B 211 1.54 12.02 -3.13
C ARG B 211 2.63 12.86 -2.48
N ASP B 212 2.73 14.12 -2.91
CA ASP B 212 3.68 15.07 -2.33
C ASP B 212 3.43 15.27 -0.84
N ARG B 213 2.17 15.30 -0.43
CA ARG B 213 1.81 15.47 0.98
C ARG B 213 2.21 14.27 1.82
N VAL B 214 1.94 13.06 1.31
CA VAL B 214 2.28 11.84 2.04
C VAL B 214 3.79 11.74 2.25
N ILE B 215 4.56 12.02 1.19
CA ILE B 215 6.02 12.11 1.29
C ILE B 215 6.42 13.15 2.35
N GLY B 216 5.72 14.28 2.35
CA GLY B 216 5.96 15.34 3.34
C GLY B 216 5.83 14.85 4.77
N LEU B 217 4.80 14.05 5.02
CA LEU B 217 4.56 13.50 6.36
C LEU B 217 5.57 12.40 6.69
N MET B 218 5.94 11.61 5.69
CA MET B 218 7.03 10.64 5.85
C MET B 218 8.30 11.35 6.31
N MET B 219 8.62 12.48 5.68
CA MET B 219 9.81 13.25 6.05
C MET B 219 9.74 13.76 7.49
N THR B 220 8.58 14.27 7.89
CA THR B 220 8.38 14.71 9.27
C THR B 220 8.62 13.53 10.22
N ALA B 221 8.00 12.39 9.90
CA ALA B 221 8.11 11.17 10.71
C ALA B 221 9.57 10.71 10.87
N CYS B 222 10.34 10.77 9.78
CA CYS B 222 11.74 10.39 9.84
C CYS B 222 12.56 11.40 10.63
N ASP B 223 12.26 12.68 10.43
CA ASP B 223 13.00 13.75 11.09
C ASP B 223 12.79 13.75 12.60
N LEU B 224 11.61 13.33 13.05
CA LEU B 224 11.29 13.25 14.44
C LEU B 224 11.56 11.91 15.09
N CYS B 225 12.14 10.99 14.35
CA CYS B 225 12.16 9.57 14.74
C CYS B 225 12.90 9.27 16.06
N SER B 226 13.59 10.26 16.62
CA SER B 226 14.16 10.15 17.98
C SER B 226 13.12 9.67 19.00
N VAL B 227 11.88 10.16 18.85
CA VAL B 227 10.78 9.78 19.74
C VAL B 227 10.19 8.39 19.47
N THR B 228 10.75 7.66 18.49
CA THR B 228 10.30 6.31 18.16
C THR B 228 11.36 5.24 18.44
N LYS B 229 12.45 5.62 19.10
CA LYS B 229 13.46 4.66 19.54
C LYS B 229 13.07 4.15 20.92
N LEU B 230 13.77 3.12 21.39
CA LEU B 230 13.54 2.61 22.74
C LEU B 230 13.94 3.67 23.76
N TRP B 231 13.36 3.59 24.95
CA TRP B 231 13.49 4.64 25.97
C TRP B 231 14.94 5.08 26.25
N PRO B 232 15.88 4.12 26.40
CA PRO B 232 17.26 4.56 26.69
C PRO B 232 17.86 5.45 25.60
N VAL B 233 17.52 5.17 24.34
CA VAL B 233 18.00 5.95 23.21
C VAL B 233 17.31 7.32 23.17
N THR B 234 15.98 7.30 23.30
CA THR B 234 15.17 8.51 23.35
C THR B 234 15.62 9.46 24.47
N LYS B 235 15.89 8.91 25.65
CA LYS B 235 16.25 9.73 26.80
C LYS B 235 17.63 10.39 26.62
N LEU B 236 18.59 9.61 26.12
CA LEU B 236 19.95 10.14 25.86
C LEU B 236 19.98 11.16 24.73
N THR B 237 19.18 10.94 23.69
CA THR B 237 19.13 11.88 22.56
C THR B 237 18.53 13.22 22.98
N ALA B 238 17.60 13.20 23.94
CA ALA B 238 17.06 14.43 24.52
C ALA B 238 18.16 15.39 25.00
N ASN B 239 19.24 14.85 25.54
CA ASN B 239 20.38 15.66 25.99
C ASN B 239 21.02 16.47 24.86
N ASP B 240 21.12 15.86 23.68
CA ASP B 240 21.69 16.53 22.50
C ASP B 240 20.77 17.62 21.97
N ILE B 241 19.46 17.33 21.96
CA ILE B 241 18.46 18.29 21.50
C ILE B 241 18.47 19.54 22.37
N TYR B 242 18.47 19.35 23.69
CA TYR B 242 18.48 20.49 24.61
C TYR B 242 19.80 21.25 24.59
N ALA B 243 20.90 20.56 24.33
CA ALA B 243 22.21 21.21 24.22
C ALA B 243 22.19 22.29 23.12
N GLU B 244 21.52 22.01 22.00
CA GLU B 244 21.34 23.00 20.95
C GLU B 244 20.31 24.05 21.32
N PHE B 245 19.17 23.61 21.85
CA PHE B 245 18.08 24.53 22.18
C PHE B 245 18.52 25.55 23.22
N TRP B 246 19.16 25.06 24.29
CA TRP B 246 19.62 25.93 25.36
C TRP B 246 20.70 26.90 24.88
N ALA B 247 21.59 26.42 24.00
CA ALA B 247 22.57 27.29 23.36
C ALA B 247 21.89 28.40 22.55
N GLU B 248 20.78 28.09 21.88
CA GLU B 248 20.03 29.12 21.15
C GLU B 248 19.38 30.11 22.12
N GLY B 249 18.82 29.60 23.20
CA GLY B 249 18.25 30.44 24.24
C GLY B 249 19.25 31.40 24.86
N ASP B 250 20.50 30.92 25.00
CA ASP B 250 21.59 31.79 25.45
C ASP B 250 21.81 32.94 24.46
N GLU B 251 21.78 32.62 23.17
CA GLU B 251 22.00 33.63 22.13
C GLU B 251 20.82 34.61 22.04
N MET B 252 19.61 34.14 22.33
CA MET B 252 18.44 35.00 22.40
C MET B 252 18.61 36.03 23.53
N LYS B 253 19.01 35.56 24.70
CA LYS B 253 19.29 36.44 25.84
C LYS B 253 20.37 37.48 25.51
N LYS B 254 21.35 37.08 24.70
CA LYS B 254 22.42 38.00 24.26
C LYS B 254 21.90 39.05 23.28
N LEU B 255 20.86 38.70 22.51
CA LEU B 255 20.15 39.67 21.66
C LEU B 255 19.20 40.56 22.46
N GLY B 256 19.02 40.27 23.76
CA GLY B 256 18.09 41.00 24.60
C GLY B 256 16.65 40.55 24.41
N ILE B 257 16.46 39.30 23.97
CA ILE B 257 15.13 38.74 23.78
C ILE B 257 14.97 37.55 24.72
N GLN B 258 13.90 37.58 25.51
CA GLN B 258 13.56 36.44 26.37
C GLN B 258 13.20 35.23 25.51
N PRO B 259 13.95 34.12 25.65
CA PRO B 259 13.64 32.94 24.87
C PRO B 259 12.43 32.20 25.43
N ILE B 260 11.81 31.36 24.60
CA ILE B 260 10.73 30.48 25.07
C ILE B 260 11.29 29.46 26.07
N PRO B 261 10.45 28.96 26.99
CA PRO B 261 10.91 28.05 28.05
C PRO B 261 11.70 26.83 27.56
N MET B 262 11.37 26.30 26.39
CA MET B 262 12.08 25.15 25.81
C MET B 262 13.57 25.42 25.61
N MET B 263 13.89 26.66 25.27
CA MET B 263 15.27 27.06 24.97
C MET B 263 15.97 27.74 26.14
N ASP B 264 15.30 27.78 27.29
CA ASP B 264 15.85 28.45 28.48
C ASP B 264 16.37 27.41 29.47
N ARG B 265 17.69 27.39 29.67
CA ARG B 265 18.31 26.41 30.58
C ARG B 265 17.94 26.63 32.05
N ASP B 266 17.44 27.82 32.38
CA ASP B 266 16.94 28.10 33.72
C ASP B 266 15.59 27.41 33.99
N LYS B 267 14.90 27.00 32.93
CA LYS B 267 13.61 26.29 33.05
C LYS B 267 13.75 24.77 32.86
N LYS B 268 14.89 24.21 33.25
CA LYS B 268 15.17 22.77 33.09
C LYS B 268 14.10 21.87 33.72
N ASP B 269 13.60 22.26 34.89
CA ASP B 269 12.61 21.47 35.62
C ASP B 269 11.31 21.25 34.85
N GLU B 270 11.04 22.08 33.85
CA GLU B 270 9.82 21.98 33.03
C GLU B 270 9.96 21.03 31.84
N VAL B 271 11.10 20.32 31.74
CA VAL B 271 11.36 19.42 30.62
C VAL B 271 10.31 18.32 30.48
N PRO B 272 10.01 17.58 31.58
CA PRO B 272 9.03 16.50 31.48
C PRO B 272 7.67 16.94 30.96
N GLN B 273 7.11 18.02 31.50
CA GLN B 273 5.83 18.57 31.02
C GLN B 273 5.94 19.05 29.59
N GLY B 274 7.07 19.69 29.28
CA GLY B 274 7.36 20.15 27.92
C GLY B 274 7.37 19.01 26.91
N GLN B 275 8.01 17.91 27.27
CA GLN B 275 8.02 16.71 26.44
C GLN B 275 6.59 16.20 26.23
N LEU B 276 5.82 16.13 27.31
CA LEU B 276 4.43 15.66 27.25
C LEU B 276 3.60 16.50 26.26
N GLY B 277 3.78 17.82 26.30
CA GLY B 277 3.10 18.72 25.37
C GLY B 277 3.42 18.41 23.92
N PHE B 278 4.68 18.16 23.64
CA PHE B 278 5.15 17.85 22.29
C PHE B 278 4.60 16.52 21.77
N TYR B 279 4.66 15.47 22.60
CA TYR B 279 4.14 14.16 22.21
C TYR B 279 2.64 14.22 21.89
N ASN B 280 1.89 14.94 22.72
CA ASN B 280 0.44 15.12 22.52
C ASN B 280 0.09 15.99 21.32
N ALA B 281 0.83 17.08 21.13
CA ALA B 281 0.52 18.06 20.10
C ALA B 281 1.14 17.76 18.73
N VAL B 282 2.29 17.09 18.72
CA VAL B 282 3.06 16.91 17.50
C VAL B 282 3.31 15.44 17.16
N ALA B 283 3.96 14.72 18.07
CA ALA B 283 4.49 13.39 17.76
C ALA B 283 3.38 12.35 17.55
N ILE B 284 2.49 12.20 18.54
CA ILE B 284 1.43 11.19 18.43
C ILE B 284 0.54 11.41 17.21
N PRO B 285 0.08 12.66 16.97
CA PRO B 285 -0.73 12.92 15.76
C PRO B 285 -0.01 12.61 14.45
N CYS B 286 1.30 12.90 14.39
CA CYS B 286 2.12 12.64 13.22
C CYS B 286 2.15 11.15 12.86
N TYR B 287 2.51 10.32 13.84
CA TYR B 287 2.62 8.88 13.61
C TYR B 287 1.28 8.18 13.56
N THR B 288 0.26 8.78 14.18
CA THR B 288 -1.11 8.27 14.09
C THR B 288 -1.61 8.43 12.65
N THR B 289 -1.43 9.62 12.09
CA THR B 289 -1.85 9.90 10.72
C THR B 289 -1.03 9.07 9.72
N LEU B 290 0.28 8.93 9.98
CA LEU B 290 1.13 8.12 9.11
C LEU B 290 0.68 6.67 9.10
N THR B 291 0.34 6.12 10.27
CA THR B 291 -0.10 4.73 10.39
C THR B 291 -1.45 4.49 9.69
N GLN B 292 -2.35 5.47 9.76
CA GLN B 292 -3.60 5.41 9.00
C GLN B 292 -3.34 5.28 7.50
N ILE B 293 -2.41 6.09 6.99
CA ILE B 293 -2.09 6.11 5.57
C ILE B 293 -1.21 4.91 5.19
N LEU B 294 -0.19 4.63 5.98
CA LEU B 294 0.69 3.48 5.79
C LEU B 294 0.70 2.58 7.01
N PRO B 295 -0.23 1.63 7.08
CA PRO B 295 -0.34 0.74 8.26
C PRO B 295 0.94 0.00 8.66
N PRO B 296 1.79 -0.40 7.69
CA PRO B 296 3.06 -1.04 8.09
C PRO B 296 4.03 -0.16 8.89
N THR B 297 3.75 1.14 9.02
CA THR B 297 4.56 2.03 9.86
C THR B 297 4.11 2.05 11.33
N GLU B 298 3.17 1.17 11.69
CA GLU B 298 2.65 1.11 13.06
C GLU B 298 3.72 1.04 14.16
N PRO B 299 4.83 0.31 13.93
CA PRO B 299 5.86 0.25 14.96
C PRO B 299 6.40 1.62 15.43
N LEU B 300 6.39 2.61 14.54
CA LEU B 300 6.78 3.97 14.92
C LEU B 300 5.81 4.57 15.94
N LEU B 301 4.51 4.42 15.69
CA LEU B 301 3.48 4.92 16.62
C LEU B 301 3.53 4.20 17.96
N LYS B 302 3.67 2.87 17.93
CA LYS B 302 3.81 2.06 19.14
C LYS B 302 4.95 2.57 20.04
N ALA B 303 6.13 2.75 19.44
CA ALA B 303 7.30 3.22 20.17
C ALA B 303 7.07 4.62 20.73
N CYS B 304 6.44 5.47 19.93
CA CYS B 304 6.10 6.82 20.34
C CYS B 304 5.17 6.83 21.56
N ARG B 305 4.18 5.92 21.56
CA ARG B 305 3.28 5.78 22.71
C ARG B 305 4.02 5.31 23.96
N ASP B 306 4.92 4.36 23.79
CA ASP B 306 5.75 3.88 24.90
C ASP B 306 6.58 5.00 25.51
N ASN B 307 7.18 5.85 24.67
CA ASN B 307 7.98 6.97 25.17
C ASN B 307 7.13 8.03 25.87
N LEU B 308 5.94 8.30 25.34
CA LEU B 308 4.97 9.17 26.01
C LEU B 308 4.69 8.67 27.41
N SER B 309 4.44 7.36 27.53
CA SER B 309 4.21 6.71 28.82
C SER B 309 5.39 6.89 29.77
N GLN B 310 6.62 6.81 29.24
CA GLN B 310 7.82 6.99 30.06
C GLN B 310 7.91 8.41 30.61
N TRP B 311 7.63 9.41 29.76
CA TRP B 311 7.63 10.80 30.19
C TRP B 311 6.55 11.10 31.25
N GLU B 312 5.42 10.41 31.17
CA GLU B 312 4.38 10.51 32.20
C GLU B 312 4.87 9.94 33.53
N LYS B 313 5.66 8.87 33.46
CA LYS B 313 6.24 8.27 34.66
C LYS B 313 7.33 9.15 35.29
N VAL B 314 8.05 9.91 34.46
CA VAL B 314 9.03 10.87 34.96
C VAL B 314 8.32 12.01 35.71
N ILE B 315 7.21 12.49 35.13
CA ILE B 315 6.41 13.56 35.75
C ILE B 315 5.90 13.14 37.13
N ARG B 316 5.46 11.91 37.25
CA ARG B 316 4.97 11.38 38.50
C ARG B 316 6.10 11.05 39.43
N GLY B 317 7.32 11.16 38.96
CA GLY B 317 8.47 10.85 39.79
C GLY B 317 8.63 9.37 39.99
N GLU B 318 8.43 8.60 38.94
CA GLU B 318 8.48 7.16 39.04
C GLU B 318 9.48 6.57 38.06
#